data_6ZHL
#
_entry.id   6ZHL
#
_cell.length_a   50.450
_cell.length_b   66.929
_cell.length_c   114.158
_cell.angle_alpha   90.000
_cell.angle_beta   90.000
_cell.angle_gamma   90.000
#
_symmetry.space_group_name_H-M   'P 21 21 21'
#
loop_
_entity.id
_entity.type
_entity.pdbx_description
1 polymer 'Small ribosomal subunit biogenesis GTPase RsgA'
2 non-polymer "GUANOSINE-5',3'-TETRAPHOSPHATE"
3 non-polymer 'ZINC ION'
4 non-polymer 1,2-ETHANEDIOL
5 non-polymer 'TRIETHYLENE GLYCOL'
6 water water
#
_entity_poly.entity_id   1
_entity_poly.type   'polypeptide(L)'
_entity_poly.pdbx_seq_one_letter_code
;MGSSHHHHHHSSGLVPRGSHMKTGRIVKSISGVYQVDVNGERFNTKPRGLFRKKKFSPVVGDIVEFEVQNINEGYIHQVF
ERENELKRPPVSNIDTLVIVMSAVEPNFSTQLLDRFLVIAHSYQLNARILVTKKDKTPIEKQFEINELLKIYENIGYETE
FIGNDDDRKKIVEAWPAGLIVLSGQSGVGKSTFLNHYRPELNLETNDISKSLNRGKHTTRHVELFERQNGYIADTPGFSA
LDFDHIDKDEIKDYFLELNRYGETCKFRNCNHIKEPNCNVKHQLEIGNIAQFRYDHYLQLFNEISNRKVRY
;
_entity_poly.pdbx_strand_id   A
#
# COMPACT_ATOMS: atom_id res chain seq x y z
N MET A 21 30.37 -9.03 -9.07
CA MET A 21 29.44 -8.23 -8.22
C MET A 21 28.14 -7.90 -8.98
N LYS A 22 26.99 -8.28 -8.42
CA LYS A 22 25.68 -8.05 -9.05
C LYS A 22 24.71 -7.37 -8.10
N THR A 23 23.75 -6.73 -8.69
CA THR A 23 22.74 -5.95 -7.97
C THR A 23 21.31 -6.40 -8.27
N GLY A 24 20.44 -6.64 -7.28
CA GLY A 24 19.05 -6.99 -7.60
C GLY A 24 18.09 -7.01 -6.42
N ARG A 25 16.89 -7.51 -6.65
CA ARG A 25 15.86 -7.59 -5.62
C ARG A 25 15.59 -8.96 -5.01
N ILE A 26 15.44 -8.98 -3.70
CA ILE A 26 15.13 -10.20 -2.98
C ILE A 26 13.69 -10.50 -3.19
N VAL A 27 13.42 -11.67 -3.75
CA VAL A 27 12.06 -12.08 -4.01
C VAL A 27 11.64 -13.21 -3.09
N LYS A 28 12.57 -13.83 -2.35
CA LYS A 28 12.27 -14.97 -1.47
C LYS A 28 13.28 -15.06 -0.33
N SER A 29 12.81 -15.34 0.88
CA SER A 29 13.63 -15.55 2.10
C SER A 29 13.23 -16.91 2.68
N ILE A 30 14.11 -17.90 2.56
CA ILE A 30 13.87 -19.30 2.96
C ILE A 30 14.96 -19.82 3.85
N SER A 31 14.63 -20.04 5.10
CA SER A 31 15.54 -20.48 6.14
C SER A 31 16.89 -19.77 6.14
N GLY A 32 16.90 -18.46 6.03
CA GLY A 32 18.15 -17.76 5.96
C GLY A 32 18.77 -17.62 4.59
N VAL A 33 18.31 -18.33 3.55
CA VAL A 33 18.84 -18.11 2.19
C VAL A 33 18.00 -17.02 1.45
N TYR A 34 18.63 -16.16 0.65
CA TYR A 34 17.88 -15.05 0.01
C TYR A 34 17.97 -15.15 -1.47
N GLN A 35 16.85 -15.48 -2.10
CA GLN A 35 16.81 -15.53 -3.57
C GLN A 35 16.71 -14.11 -4.11
N VAL A 36 17.70 -13.74 -4.90
CA VAL A 36 17.79 -12.43 -5.53
C VAL A 36 17.52 -12.54 -7.03
N ASP A 37 16.70 -11.63 -7.55
CA ASP A 37 16.36 -11.68 -8.96
C ASP A 37 17.18 -10.61 -9.60
N VAL A 38 17.91 -10.97 -10.65
CA VAL A 38 18.61 -9.98 -11.43
C VAL A 38 18.13 -10.11 -12.85
N ASN A 39 17.19 -9.24 -13.23
CA ASN A 39 16.52 -9.28 -14.55
C ASN A 39 16.05 -10.63 -14.97
N GLY A 40 15.44 -11.38 -14.07
CA GLY A 40 14.96 -12.74 -14.38
C GLY A 40 15.80 -13.87 -13.83
N GLU A 41 17.09 -13.66 -13.69
CA GLU A 41 17.97 -14.70 -13.20
C GLU A 41 18.00 -14.76 -11.67
N ARG A 42 17.79 -15.93 -11.13
CA ARG A 42 17.76 -16.12 -9.69
C ARG A 42 19.12 -16.56 -9.11
N PHE A 43 19.46 -16.03 -7.93
CA PHE A 43 20.66 -16.43 -7.21
C PHE A 43 20.31 -16.64 -5.75
N ASN A 44 20.75 -17.74 -5.16
CA ASN A 44 20.50 -17.96 -3.73
C ASN A 44 21.72 -17.50 -2.89
N THR A 45 21.49 -16.52 -2.00
CA THR A 45 22.58 -15.86 -1.31
C THR A 45 22.48 -15.98 0.19
N LYS A 46 23.59 -15.68 0.87
CA LYS A 46 23.61 -15.60 2.32
C LYS A 46 24.17 -14.25 2.64
N PRO A 47 23.66 -13.61 3.69
CA PRO A 47 24.26 -12.35 4.09
C PRO A 47 25.64 -12.52 4.70
N ARG A 48 26.50 -11.53 4.50
CA ARG A 48 27.72 -11.40 5.29
C ARG A 48 27.79 -9.98 5.91
N GLY A 49 28.89 -9.69 6.62
CA GLY A 49 29.08 -8.41 7.30
C GLY A 49 27.98 -8.18 8.32
N LEU A 50 27.64 -6.88 8.52
CA LEU A 50 26.49 -6.44 9.36
C LEU A 50 25.22 -7.22 9.08
N PHE A 51 25.05 -7.66 7.82
CA PHE A 51 23.77 -8.21 7.37
C PHE A 51 23.47 -9.58 7.91
N ARG A 52 24.43 -10.18 8.60
CA ARG A 52 24.24 -11.42 9.31
C ARG A 52 23.54 -11.24 10.65
N LYS A 53 23.55 -10.03 11.19
CA LYS A 53 22.90 -9.73 12.47
C LYS A 53 21.42 -9.51 12.31
N LYS A 54 20.63 -9.87 13.32
CA LYS A 54 19.15 -9.76 13.23
C LYS A 54 18.75 -8.33 12.91
N LYS A 55 19.31 -7.41 13.67
CA LYS A 55 19.08 -5.96 13.54
C LYS A 55 19.29 -5.38 12.13
N PHE A 56 20.11 -6.02 11.28
CA PHE A 56 20.38 -5.54 9.92
C PHE A 56 19.99 -6.60 8.88
N SER A 57 19.12 -7.51 9.28
CA SER A 57 18.78 -8.67 8.46
C SER A 57 18.03 -8.25 7.20
N PRO A 58 18.38 -8.86 6.07
CA PRO A 58 17.65 -8.62 4.87
C PRO A 58 16.21 -9.07 4.94
N VAL A 59 15.40 -8.51 4.04
CA VAL A 59 13.96 -8.70 4.01
C VAL A 59 13.61 -8.80 2.54
N VAL A 60 12.49 -9.46 2.22
CA VAL A 60 12.06 -9.60 0.85
C VAL A 60 11.68 -8.19 0.37
N GLY A 61 12.00 -7.86 -0.88
CA GLY A 61 11.88 -6.49 -1.44
C GLY A 61 13.15 -5.66 -1.44
N ASP A 62 14.13 -6.02 -0.59
CA ASP A 62 15.38 -5.31 -0.51
C ASP A 62 16.11 -5.32 -1.85
N ILE A 63 16.80 -4.23 -2.12
CA ILE A 63 17.74 -4.17 -3.26
C ILE A 63 19.11 -4.38 -2.66
N VAL A 64 19.85 -5.35 -3.20
CA VAL A 64 21.13 -5.75 -2.62
C VAL A 64 22.25 -5.83 -3.64
N GLU A 65 23.48 -5.69 -3.15
CA GLU A 65 24.68 -5.99 -3.91
C GLU A 65 25.29 -7.25 -3.36
N PHE A 66 25.50 -8.22 -4.24
CA PHE A 66 26.06 -9.50 -3.84
C PHE A 66 27.17 -9.99 -4.76
N GLU A 67 28.06 -10.79 -4.16
CA GLU A 67 29.17 -11.45 -4.89
C GLU A 67 28.65 -12.81 -5.33
N VAL A 68 28.86 -13.10 -6.62
CA VAL A 68 28.46 -14.41 -7.17
C VAL A 68 29.47 -15.50 -6.79
N GLN A 69 28.96 -16.65 -6.39
CA GLN A 69 29.72 -17.88 -6.18
C GLN A 69 28.88 -19.05 -6.73
N ASN A 70 29.53 -20.11 -7.21
CA ASN A 70 28.84 -21.39 -7.58
C ASN A 70 27.79 -21.23 -8.68
N ILE A 71 28.02 -20.25 -9.57
CA ILE A 71 27.15 -19.88 -10.73
C ILE A 71 25.83 -19.23 -10.28
N ASN A 72 25.00 -19.94 -9.50
CA ASN A 72 23.70 -19.42 -9.06
C ASN A 72 23.62 -19.15 -7.54
N GLU A 73 24.73 -18.84 -6.87
CA GLU A 73 24.70 -18.55 -5.40
C GLU A 73 25.41 -17.23 -5.14
N GLY A 74 25.51 -16.79 -3.89
CA GLY A 74 26.23 -15.57 -3.60
C GLY A 74 26.25 -15.14 -2.16
N TYR A 75 27.03 -14.10 -1.90
CA TYR A 75 27.06 -13.46 -0.61
C TYR A 75 26.57 -12.04 -0.74
N ILE A 76 25.61 -11.68 0.08
CA ILE A 76 25.15 -10.31 0.10
C ILE A 76 26.14 -9.51 0.89
N HIS A 77 26.72 -8.53 0.22
CA HIS A 77 27.62 -7.57 0.83
C HIS A 77 26.92 -6.29 1.33
N GLN A 78 25.95 -5.79 0.57
CA GLN A 78 25.29 -4.53 0.88
C GLN A 78 23.80 -4.69 0.63
N VAL A 79 23.02 -4.14 1.54
CA VAL A 79 21.61 -4.00 1.37
C VAL A 79 21.49 -2.49 1.29
N PHE A 80 20.99 -2.02 0.16
CA PHE A 80 20.72 -0.60 -0.01
C PHE A 80 19.66 -0.10 0.99
N GLU A 81 19.83 1.14 1.40
CA GLU A 81 18.91 1.80 2.32
C GLU A 81 17.44 1.63 1.83
N ARG A 82 16.56 1.19 2.71
CA ARG A 82 15.16 0.97 2.31
C ARG A 82 14.40 2.27 2.12
N GLU A 83 13.65 2.38 1.04
CA GLU A 83 12.82 3.55 0.80
C GLU A 83 11.60 3.51 1.72
N ASN A 84 11.08 2.31 1.96
CA ASN A 84 9.97 2.08 2.89
C ASN A 84 9.96 0.64 3.24
N GLU A 85 9.16 0.30 4.23
CA GLU A 85 9.00 -1.11 4.57
C GLU A 85 7.78 -1.36 5.41
N LEU A 86 7.18 -2.53 5.23
CA LEU A 86 6.22 -3.08 6.19
C LEU A 86 6.94 -4.04 7.11
N LYS A 87 6.40 -4.20 8.31
CA LYS A 87 6.98 -5.07 9.31
C LYS A 87 6.28 -6.42 9.32
N ARG A 88 4.96 -6.44 9.25
CA ARG A 88 4.25 -7.74 9.15
C ARG A 88 3.26 -7.62 8.02
N PRO A 89 3.42 -8.41 6.96
CA PRO A 89 4.64 -9.19 6.72
C PRO A 89 5.84 -8.25 6.45
N PRO A 90 7.08 -8.71 6.72
CA PRO A 90 8.22 -7.85 6.44
C PRO A 90 8.49 -7.82 4.91
N VAL A 91 8.29 -6.67 4.31
CA VAL A 91 8.51 -6.48 2.88
C VAL A 91 8.91 -5.01 2.64
N SER A 92 9.91 -4.78 1.78
CA SER A 92 10.52 -3.45 1.62
C SER A 92 10.44 -2.96 0.20
N ASN A 93 10.54 -1.64 0.03
CA ASN A 93 10.64 -1.01 -1.29
C ASN A 93 9.48 -1.30 -2.20
N ILE A 94 8.30 -1.04 -1.64
CA ILE A 94 7.04 -1.21 -2.35
C ILE A 94 6.84 0.05 -3.18
N ASP A 95 6.55 -0.11 -4.46
CA ASP A 95 6.34 0.99 -5.36
C ASP A 95 4.89 1.48 -5.44
N THR A 96 3.95 0.57 -5.35
CA THR A 96 2.54 0.93 -5.27
C THR A 96 1.81 -0.02 -4.35
N LEU A 97 1.11 0.52 -3.37
CA LEU A 97 0.21 -0.23 -2.50
C LEU A 97 -1.19 -0.17 -3.08
N VAL A 98 -1.67 -1.27 -3.62
CA VAL A 98 -3.02 -1.27 -4.17
C VAL A 98 -3.98 -1.68 -3.09
N ILE A 99 -4.83 -0.75 -2.63
CA ILE A 99 -5.89 -1.05 -1.66
C ILE A 99 -7.13 -1.68 -2.34
N VAL A 100 -7.43 -2.94 -2.00
CA VAL A 100 -8.50 -3.69 -2.69
C VAL A 100 -9.71 -3.71 -1.82
N MET A 101 -10.81 -3.18 -2.35
CA MET A 101 -12.05 -3.06 -1.61
C MET A 101 -13.11 -3.74 -2.46
N SER A 102 -14.05 -4.42 -1.83
CA SER A 102 -15.17 -5.01 -2.55
C SER A 102 -16.32 -4.04 -2.62
N ALA A 103 -17.03 -4.00 -3.74
CA ALA A 103 -18.24 -3.16 -3.78
C ALA A 103 -19.38 -3.72 -2.93
N VAL A 104 -19.51 -5.05 -2.95
CA VAL A 104 -20.51 -5.82 -2.18
C VAL A 104 -19.82 -7.05 -1.62
N GLU A 105 -20.44 -7.70 -0.65
CA GLU A 105 -19.86 -8.87 0.03
C GLU A 105 -18.38 -8.72 0.41
N PRO A 106 -18.06 -7.83 1.39
CA PRO A 106 -18.89 -6.86 2.07
C PRO A 106 -19.07 -5.54 1.32
N ASN A 107 -20.09 -4.81 1.69
CA ASN A 107 -20.38 -3.57 1.04
C ASN A 107 -19.19 -2.57 1.12
N PHE A 108 -18.94 -1.88 0.01
CA PHE A 108 -17.99 -0.78 -0.02
C PHE A 108 -18.15 0.16 1.19
N SER A 109 -17.02 0.47 1.83
CA SER A 109 -17.00 1.30 3.02
C SER A 109 -15.95 2.39 2.90
N THR A 110 -16.38 3.64 2.87
CA THR A 110 -15.42 4.77 2.93
C THR A 110 -14.71 4.88 4.26
N GLN A 111 -15.38 4.49 5.33
CA GLN A 111 -14.79 4.38 6.66
C GLN A 111 -13.54 3.48 6.63
N LEU A 112 -13.68 2.28 6.08
CA LEU A 112 -12.57 1.31 6.00
C LEU A 112 -11.51 1.80 5.04
N LEU A 113 -11.95 2.31 3.89
CA LEU A 113 -11.02 2.82 2.90
C LEU A 113 -10.15 3.95 3.43
N ASP A 114 -10.78 4.95 4.00
CA ASP A 114 -10.04 6.02 4.60
C ASP A 114 -9.00 5.54 5.61
N ARG A 115 -9.35 4.56 6.44
CA ARG A 115 -8.42 4.00 7.40
C ARG A 115 -7.26 3.30 6.74
N PHE A 116 -7.54 2.52 5.70
CA PHE A 116 -6.48 1.82 4.99
C PHE A 116 -5.56 2.83 4.33
N LEU A 117 -6.11 3.93 3.84
CA LEU A 117 -5.27 5.02 3.31
C LEU A 117 -4.38 5.69 4.37
N VAL A 118 -4.93 5.97 5.55
CA VAL A 118 -4.13 6.50 6.63
C VAL A 118 -2.91 5.57 6.90
N ILE A 119 -3.17 4.26 6.96
CA ILE A 119 -2.09 3.33 7.25
C ILE A 119 -1.05 3.42 6.14
N ALA A 120 -1.49 3.26 4.89
CA ALA A 120 -0.58 3.33 3.75
C ALA A 120 0.34 4.54 3.80
N HIS A 121 -0.25 5.71 3.94
CA HIS A 121 0.57 6.93 3.97
C HIS A 121 1.47 6.99 5.24
N SER A 122 1.06 6.41 6.36
CA SER A 122 1.92 6.35 7.55
C SER A 122 3.19 5.52 7.30
N TYR A 123 3.14 4.64 6.31
CA TYR A 123 4.30 3.83 5.89
C TYR A 123 5.01 4.39 4.67
N GLN A 124 4.64 5.62 4.30
CA GLN A 124 5.22 6.36 3.20
C GLN A 124 4.95 5.75 1.84
N LEU A 125 3.84 5.03 1.68
CA LEU A 125 3.58 4.32 0.40
C LEU A 125 2.69 5.11 -0.56
N ASN A 126 3.02 5.05 -1.88
CA ASN A 126 2.08 5.39 -2.96
C ASN A 126 0.85 4.45 -2.84
N ALA A 127 -0.34 5.00 -2.82
CA ALA A 127 -1.51 4.17 -2.82
C ALA A 127 -2.35 4.42 -4.08
N ARG A 128 -3.02 3.36 -4.48
CA ARG A 128 -4.12 3.43 -5.40
C ARG A 128 -5.28 2.54 -4.92
N ILE A 129 -6.45 2.73 -5.55
CA ILE A 129 -7.68 2.14 -5.04
C ILE A 129 -8.25 1.21 -6.11
N LEU A 130 -8.54 -0.04 -5.71
CA LEU A 130 -9.13 -1.03 -6.60
C LEU A 130 -10.40 -1.60 -5.97
N VAL A 131 -11.54 -1.33 -6.63
CA VAL A 131 -12.83 -1.86 -6.14
C VAL A 131 -13.22 -3.03 -7.05
N THR A 132 -13.65 -4.10 -6.42
CA THR A 132 -13.91 -5.37 -7.07
C THR A 132 -15.40 -5.70 -6.99
N LYS A 133 -15.77 -6.76 -7.72
CA LYS A 133 -17.11 -7.35 -7.72
C LYS A 133 -18.20 -6.49 -8.37
N LYS A 134 -17.77 -5.70 -9.34
CA LYS A 134 -18.65 -4.85 -10.09
C LYS A 134 -19.82 -5.66 -10.73
N ASP A 135 -19.53 -6.84 -11.22
CA ASP A 135 -20.51 -7.71 -11.87
C ASP A 135 -21.66 -8.09 -10.98
N LYS A 136 -21.47 -8.03 -9.68
CA LYS A 136 -22.58 -8.34 -8.84
C LYS A 136 -23.06 -7.19 -8.02
N THR A 137 -22.72 -6.01 -8.44
CA THR A 137 -23.18 -4.83 -7.78
C THR A 137 -24.38 -4.26 -8.51
N PRO A 138 -25.47 -3.98 -7.80
CA PRO A 138 -26.62 -3.38 -8.55
C PRO A 138 -26.20 -2.09 -9.23
N ILE A 139 -26.73 -1.84 -10.42
CA ILE A 139 -26.26 -0.75 -11.24
C ILE A 139 -26.46 0.61 -10.56
N GLU A 140 -27.56 0.80 -9.81
CA GLU A 140 -27.73 2.08 -9.13
C GLU A 140 -26.59 2.30 -8.08
N LYS A 141 -26.19 1.23 -7.42
CA LYS A 141 -25.10 1.23 -6.47
C LYS A 141 -23.76 1.50 -7.16
N GLN A 142 -23.59 0.95 -8.34
CA GLN A 142 -22.40 1.19 -9.12
C GLN A 142 -22.24 2.71 -9.35
N PHE A 143 -23.31 3.37 -9.70
CA PHE A 143 -23.34 4.77 -9.93
C PHE A 143 -22.95 5.54 -8.64
N GLU A 144 -23.48 5.17 -7.49
CA GLU A 144 -23.10 5.82 -6.23
C GLU A 144 -21.58 5.61 -5.95
N ILE A 145 -21.05 4.41 -6.24
CA ILE A 145 -19.66 4.11 -5.97
C ILE A 145 -18.78 4.90 -6.89
N ASN A 146 -19.17 5.01 -8.15
CA ASN A 146 -18.40 5.82 -9.10
C ASN A 146 -18.29 7.28 -8.65
N GLU A 147 -19.36 7.80 -8.06
CA GLU A 147 -19.33 9.19 -7.54
C GLU A 147 -18.34 9.30 -6.38
N LEU A 148 -18.39 8.33 -5.47
CA LEU A 148 -17.46 8.26 -4.35
C LEU A 148 -16.01 8.16 -4.86
N LEU A 149 -15.79 7.34 -5.85
CA LEU A 149 -14.46 7.19 -6.41
C LEU A 149 -13.94 8.46 -7.06
N LYS A 150 -14.82 9.22 -7.66
CA LYS A 150 -14.46 10.54 -8.20
C LYS A 150 -13.96 11.51 -7.12
N ILE A 151 -14.55 11.46 -5.95
CA ILE A 151 -14.02 12.21 -4.79
C ILE A 151 -12.55 11.80 -4.50
N TYR A 152 -12.27 10.48 -4.49
CA TYR A 152 -10.92 10.04 -4.25
C TYR A 152 -10.00 10.47 -5.39
N GLU A 153 -10.50 10.47 -6.62
CA GLU A 153 -9.68 10.97 -7.74
C GLU A 153 -9.36 12.46 -7.51
N ASN A 154 -10.34 13.22 -7.07
CA ASN A 154 -10.10 14.63 -6.71
C ASN A 154 -8.94 14.83 -5.68
N ILE A 155 -8.83 13.93 -4.71
CA ILE A 155 -7.77 13.94 -3.71
C ILE A 155 -6.43 13.62 -4.36
N GLY A 156 -6.45 12.83 -5.40
CA GLY A 156 -5.25 12.52 -6.17
C GLY A 156 -4.98 11.04 -6.43
N TYR A 157 -5.89 10.16 -6.04
CA TYR A 157 -5.65 8.74 -6.25
C TYR A 157 -6.09 8.27 -7.62
N GLU A 158 -5.41 7.24 -8.12
CA GLU A 158 -5.96 6.47 -9.23
C GLU A 158 -6.95 5.48 -8.64
N THR A 159 -8.08 5.28 -9.34
CA THR A 159 -9.10 4.33 -8.90
C THR A 159 -9.52 3.48 -10.06
N GLU A 160 -9.86 2.23 -9.79
CA GLU A 160 -10.50 1.34 -10.77
C GLU A 160 -11.60 0.60 -10.07
N PHE A 161 -12.63 0.26 -10.85
CA PHE A 161 -13.79 -0.51 -10.35
C PHE A 161 -14.00 -1.62 -11.38
N ILE A 162 -13.77 -2.85 -10.97
CA ILE A 162 -13.72 -3.99 -11.86
C ILE A 162 -14.55 -5.15 -11.38
N GLY A 163 -14.78 -6.08 -12.30
CA GLY A 163 -15.50 -7.28 -11.97
C GLY A 163 -15.00 -8.38 -12.89
N ASN A 164 -15.74 -9.48 -12.87
CA ASN A 164 -15.45 -10.65 -13.68
C ASN A 164 -15.47 -10.45 -15.20
N ASP A 165 -16.10 -9.43 -15.72
CA ASP A 165 -16.01 -9.16 -17.16
C ASP A 165 -14.69 -8.50 -17.59
N ASP A 166 -13.82 -8.14 -16.63
CA ASP A 166 -12.56 -7.44 -16.89
C ASP A 166 -11.39 -8.39 -17.01
N ASP A 167 -10.36 -7.98 -17.75
CA ASP A 167 -9.14 -8.79 -17.86
C ASP A 167 -8.13 -8.42 -16.75
N ARG A 168 -8.06 -9.24 -15.72
CA ARG A 168 -7.30 -8.87 -14.54
C ARG A 168 -5.81 -8.78 -14.78
N LYS A 169 -5.31 -9.54 -15.75
CA LYS A 169 -3.91 -9.49 -16.14
C LYS A 169 -3.60 -8.19 -16.96
N LYS A 170 -4.49 -7.73 -17.83
CA LYS A 170 -4.29 -6.39 -18.42
C LYS A 170 -4.29 -5.28 -17.37
N ILE A 171 -5.09 -5.46 -16.31
CA ILE A 171 -5.21 -4.44 -15.23
C ILE A 171 -3.87 -4.29 -14.52
N VAL A 172 -3.35 -5.40 -14.07
CA VAL A 172 -2.11 -5.48 -13.38
C VAL A 172 -0.92 -5.00 -14.18
N GLU A 173 -0.84 -5.34 -15.45
CA GLU A 173 0.29 -4.92 -16.24
C GLU A 173 0.19 -3.46 -16.63
N ALA A 174 -0.99 -2.90 -16.62
CA ALA A 174 -1.06 -1.47 -16.84
C ALA A 174 -0.70 -0.65 -15.57
N TRP A 175 -0.49 -1.28 -14.42
CA TRP A 175 -0.14 -0.55 -13.18
C TRP A 175 1.30 -0.03 -13.21
N PRO A 176 1.63 0.91 -12.33
CA PRO A 176 2.98 1.47 -12.44
C PRO A 176 4.06 0.41 -12.25
N ALA A 177 5.24 0.63 -12.85
CA ALA A 177 6.36 -0.26 -12.74
C ALA A 177 6.86 -0.45 -11.29
N GLY A 178 7.52 -1.58 -11.08
CA GLY A 178 8.10 -2.02 -9.80
C GLY A 178 7.23 -2.97 -8.98
N LEU A 179 7.41 -2.89 -7.65
CA LEU A 179 6.80 -3.77 -6.71
C LEU A 179 5.40 -3.29 -6.33
N ILE A 180 4.39 -4.06 -6.77
CA ILE A 180 3.02 -3.87 -6.34
C ILE A 180 2.75 -4.77 -5.17
N VAL A 181 2.13 -4.22 -4.13
CA VAL A 181 1.61 -5.04 -3.05
C VAL A 181 0.11 -4.78 -2.92
N LEU A 182 -0.67 -5.84 -2.91
CA LEU A 182 -2.11 -5.77 -2.66
C LEU A 182 -2.40 -5.76 -1.20
N SER A 183 -3.30 -4.94 -0.78
CA SER A 183 -3.66 -4.87 0.60
C SER A 183 -5.19 -4.82 0.71
N GLY A 184 -5.75 -5.70 1.55
CA GLY A 184 -7.18 -5.65 1.80
C GLY A 184 -7.62 -6.86 2.59
N GLN A 185 -8.86 -6.86 3.01
CA GLN A 185 -9.37 -8.03 3.78
C GLN A 185 -9.48 -9.31 2.98
N SER A 186 -9.39 -10.44 3.67
CA SER A 186 -9.65 -11.73 3.05
C SER A 186 -11.09 -11.63 2.50
N GLY A 187 -11.32 -12.19 1.32
CA GLY A 187 -12.61 -12.11 0.68
C GLY A 187 -12.86 -11.01 -0.33
N VAL A 188 -11.94 -10.05 -0.47
CA VAL A 188 -12.18 -8.94 -1.40
C VAL A 188 -11.82 -9.25 -2.79
N GLY A 189 -11.00 -10.26 -3.01
CA GLY A 189 -10.60 -10.63 -4.38
C GLY A 189 -9.12 -10.51 -4.75
N LYS A 190 -8.27 -10.51 -3.76
CA LYS A 190 -6.81 -10.45 -4.05
C LYS A 190 -6.26 -11.72 -4.74
N SER A 191 -6.60 -12.90 -4.24
CA SER A 191 -6.02 -14.11 -4.82
C SER A 191 -6.42 -14.24 -6.23
N THR A 192 -7.65 -13.74 -6.55
CA THR A 192 -8.11 -13.80 -7.93
C THR A 192 -7.19 -13.08 -8.89
N PHE A 193 -6.58 -12.00 -8.41
CA PHE A 193 -5.52 -11.35 -9.18
C PHE A 193 -4.22 -12.12 -9.10
N LEU A 194 -3.81 -12.50 -7.91
CA LEU A 194 -2.49 -13.09 -7.72
C LEU A 194 -2.29 -14.45 -8.50
N ASN A 195 -3.32 -15.28 -8.48
CA ASN A 195 -3.28 -16.57 -9.21
C ASN A 195 -2.83 -16.44 -10.67
N HIS A 196 -3.00 -15.26 -11.29
CA HIS A 196 -2.38 -14.99 -12.58
C HIS A 196 -0.83 -14.99 -12.61
N TYR A 197 -0.14 -14.92 -11.48
CA TYR A 197 1.33 -14.78 -11.48
C TYR A 197 2.05 -15.93 -10.80
N ARG A 198 1.33 -16.97 -10.48
CA ARG A 198 1.88 -18.02 -9.65
C ARG A 198 2.63 -19.05 -10.46
N PRO A 199 3.91 -19.33 -10.09
CA PRO A 199 4.72 -20.36 -10.73
C PRO A 199 3.95 -21.66 -10.83
N GLU A 200 3.20 -22.02 -9.77
N GLU A 200 3.34 -22.03 -9.69
CA GLU A 200 2.04 -22.92 -9.89
CA GLU A 200 2.21 -22.96 -9.50
C GLU A 200 2.50 -24.37 -9.87
C GLU A 200 2.58 -23.96 -8.42
N HIS A 221 6.32 -15.83 5.48
CA HIS A 221 7.14 -15.00 4.63
C HIS A 221 6.53 -14.65 3.29
N VAL A 222 6.69 -13.42 2.86
CA VAL A 222 6.17 -12.98 1.59
C VAL A 222 7.10 -13.41 0.50
N GLU A 223 6.55 -13.71 -0.65
CA GLU A 223 7.34 -14.01 -1.81
C GLU A 223 6.84 -13.10 -2.91
N LEU A 224 7.74 -12.53 -3.70
CA LEU A 224 7.38 -11.71 -4.83
C LEU A 224 7.39 -12.46 -6.13
N PHE A 225 6.36 -12.30 -6.92
CA PHE A 225 6.27 -12.90 -8.22
C PHE A 225 6.51 -11.88 -9.32
N GLU A 226 7.04 -12.34 -10.41
CA GLU A 226 7.34 -11.49 -11.48
C GLU A 226 6.21 -11.10 -12.34
N ARG A 227 6.23 -9.84 -12.75
CA ARG A 227 5.36 -9.32 -13.78
C ARG A 227 6.23 -8.60 -14.80
N GLN A 228 5.69 -8.35 -15.96
CA GLN A 228 6.41 -7.56 -16.90
C GLN A 228 6.32 -6.21 -16.25
N ASN A 229 7.48 -5.59 -16.10
CA ASN A 229 7.75 -4.28 -15.46
C ASN A 229 7.93 -4.27 -13.97
N GLY A 230 7.97 -5.43 -13.36
CA GLY A 230 8.25 -5.47 -11.94
C GLY A 230 7.87 -6.75 -11.24
N TYR A 231 7.14 -6.60 -10.14
CA TYR A 231 6.84 -7.71 -9.26
C TYR A 231 5.47 -7.48 -8.67
N ILE A 232 4.89 -8.52 -8.06
CA ILE A 232 3.65 -8.41 -7.29
C ILE A 232 3.72 -9.37 -6.14
N ALA A 233 3.44 -8.87 -4.96
CA ALA A 233 3.58 -9.65 -3.73
C ALA A 233 2.44 -10.56 -3.32
N ASP A 234 2.87 -11.80 -3.02
CA ASP A 234 2.05 -12.92 -2.66
C ASP A 234 1.26 -12.88 -1.36
N THR A 235 1.49 -11.88 -0.53
CA THR A 235 0.81 -11.68 0.71
C THR A 235 0.29 -10.24 0.73
N PRO A 236 -0.82 -9.93 1.41
CA PRO A 236 -1.17 -8.57 1.44
C PRO A 236 -0.29 -7.86 2.42
N GLY A 237 -0.29 -6.55 2.32
CA GLY A 237 0.45 -5.71 3.25
C GLY A 237 -0.18 -5.57 4.65
N PHE A 238 -1.45 -5.29 4.61
CA PHE A 238 -2.19 -5.15 5.83
C PHE A 238 -3.67 -5.43 5.70
N SER A 239 -4.01 -6.70 5.76
CA SER A 239 -5.37 -7.19 5.76
C SER A 239 -6.17 -6.48 6.86
N ALA A 240 -5.49 -6.21 7.96
CA ALA A 240 -6.10 -5.54 9.09
C ALA A 240 -5.63 -4.14 9.30
N LEU A 241 -6.07 -3.56 10.42
CA LEU A 241 -5.72 -2.17 10.72
C LEU A 241 -5.01 -1.90 12.04
N ASP A 242 -3.71 -1.65 11.94
CA ASP A 242 -2.86 -1.28 13.07
C ASP A 242 -2.37 0.19 13.14
N PHE A 243 -2.97 0.94 14.03
CA PHE A 243 -2.60 2.34 14.22
C PHE A 243 -1.54 2.63 15.31
N ASP A 244 -0.86 1.61 15.85
CA ASP A 244 -0.07 1.80 17.09
C ASP A 244 1.08 2.78 16.96
N HIS A 245 1.69 2.79 15.79
CA HIS A 245 2.80 3.69 15.46
C HIS A 245 2.41 5.16 15.17
N ILE A 246 1.10 5.47 15.13
CA ILE A 246 0.65 6.75 14.61
C ILE A 246 0.29 7.66 15.79
N ASP A 247 0.83 8.86 15.73
CA ASP A 247 0.51 9.92 16.68
C ASP A 247 -0.69 10.70 16.23
N LYS A 248 -1.52 11.17 17.17
CA LYS A 248 -2.70 11.94 16.80
C LYS A 248 -2.38 13.10 15.85
N ASP A 249 -1.21 13.66 16.01
CA ASP A 249 -0.79 14.78 15.23
C ASP A 249 -0.48 14.48 13.77
N GLU A 250 -0.15 13.27 13.46
CA GLU A 250 0.19 12.87 12.09
C GLU A 250 -1.03 12.54 11.23
N ILE A 251 -2.17 12.32 11.87
CA ILE A 251 -3.34 11.80 11.14
C ILE A 251 -3.73 12.76 10.03
N LYS A 252 -3.71 14.07 10.30
CA LYS A 252 -3.94 15.06 9.23
C LYS A 252 -2.99 14.99 8.03
N ASP A 253 -1.75 14.61 8.24
CA ASP A 253 -0.81 14.41 7.10
C ASP A 253 -1.29 13.33 6.13
N TYR A 254 -2.08 12.37 6.60
CA TYR A 254 -2.41 11.21 5.82
C TYR A 254 -3.80 11.29 5.15
N PHE A 255 -4.54 12.39 5.41
CA PHE A 255 -5.71 12.77 4.65
C PHE A 255 -5.18 13.85 3.69
N LEU A 256 -4.87 13.46 2.46
CA LEU A 256 -4.06 14.32 1.59
C LEU A 256 -4.63 15.71 1.27
N GLU A 257 -5.95 15.77 1.06
CA GLU A 257 -6.64 17.02 0.86
C GLU A 257 -6.63 17.87 2.10
N LEU A 258 -6.74 17.27 3.31
CA LEU A 258 -6.62 18.07 4.52
C LEU A 258 -5.20 18.64 4.67
N ASN A 259 -4.20 17.83 4.36
CA ASN A 259 -2.81 18.25 4.39
C ASN A 259 -2.58 19.40 3.45
N ARG A 260 -3.08 19.26 2.24
CA ARG A 260 -2.92 20.25 1.22
C ARG A 260 -3.65 21.56 1.59
N TYR A 261 -4.94 21.51 1.92
CA TYR A 261 -5.63 22.75 2.29
C TYR A 261 -5.15 23.33 3.62
N GLY A 262 -4.61 22.48 4.47
CA GLY A 262 -4.03 22.89 5.75
C GLY A 262 -2.85 23.84 5.64
N GLU A 263 -2.23 23.84 4.46
CA GLU A 263 -1.20 24.78 4.11
C GLU A 263 -1.51 26.26 4.44
N THR A 264 -2.76 26.67 4.32
CA THR A 264 -3.10 28.05 4.51
C THR A 264 -4.02 28.25 5.70
N CYS A 265 -4.01 27.29 6.63
CA CYS A 265 -4.60 27.51 7.94
C CYS A 265 -3.72 28.54 8.71
N LYS A 266 -4.31 29.37 9.55
CA LYS A 266 -3.50 30.30 10.37
C LYS A 266 -2.41 29.57 11.14
N PHE A 267 -2.76 28.57 11.94
CA PHE A 267 -1.78 27.85 12.72
C PHE A 267 -1.06 26.83 11.86
N ARG A 268 0.26 26.81 11.97
CA ARG A 268 1.15 25.88 11.23
C ARG A 268 0.88 24.40 11.56
N ASN A 269 0.41 24.12 12.76
CA ASN A 269 0.05 22.76 13.15
C ASN A 269 -1.46 22.62 13.42
N CYS A 270 -2.30 23.41 12.75
CA CYS A 270 -3.75 23.34 12.92
C CYS A 270 -4.25 21.88 12.72
N ASN A 271 -4.99 21.40 13.69
CA ASN A 271 -5.59 20.08 13.63
C ASN A 271 -7.00 20.14 13.06
N HIS A 272 -7.47 21.34 12.71
CA HIS A 272 -8.73 21.53 12.00
C HIS A 272 -9.93 21.03 12.82
N ILE A 273 -9.86 21.14 14.13
CA ILE A 273 -10.96 20.73 14.98
C ILE A 273 -11.61 21.99 15.52
N LYS A 274 -11.03 22.62 16.55
CA LYS A 274 -11.69 23.81 17.07
C LYS A 274 -10.97 25.12 16.70
N GLU A 275 -9.84 25.05 16.00
CA GLU A 275 -9.03 26.22 15.75
C GLU A 275 -9.76 27.27 14.95
N PRO A 276 -9.50 28.57 15.25
CA PRO A 276 -10.03 29.63 14.41
C PRO A 276 -9.18 29.74 13.12
N ASN A 277 -9.75 30.35 12.09
CA ASN A 277 -9.03 30.69 10.86
C ASN A 277 -8.47 29.46 10.14
N CYS A 278 -9.30 28.43 10.08
CA CYS A 278 -8.90 27.11 9.60
C CYS A 278 -9.35 26.96 8.15
N ASN A 279 -8.40 26.80 7.22
CA ASN A 279 -8.79 26.66 5.81
C ASN A 279 -9.49 25.30 5.46
N VAL A 280 -9.20 24.25 6.24
CA VAL A 280 -9.91 22.94 6.06
C VAL A 280 -11.42 23.12 6.34
N LYS A 281 -11.73 23.82 7.43
CA LYS A 281 -13.15 24.04 7.74
C LYS A 281 -13.79 24.93 6.67
N HIS A 282 -13.07 25.93 6.15
CA HIS A 282 -13.57 26.80 5.07
C HIS A 282 -13.87 25.97 3.80
N GLN A 283 -12.86 25.21 3.37
CA GLN A 283 -13.02 24.33 2.21
C GLN A 283 -14.08 23.29 2.39
N LEU A 284 -14.27 22.80 3.62
CA LEU A 284 -15.34 21.89 3.88
C LEU A 284 -16.64 22.62 3.62
N GLU A 285 -16.75 23.83 4.17
CA GLU A 285 -17.98 24.61 4.05
C GLU A 285 -18.37 24.89 2.59
N ILE A 286 -17.39 25.23 1.75
CA ILE A 286 -17.67 25.52 0.34
C ILE A 286 -17.52 24.31 -0.56
N GLY A 287 -17.59 23.10 -0.01
CA GLY A 287 -17.77 21.86 -0.77
C GLY A 287 -16.52 21.30 -1.44
N ASN A 288 -15.35 21.71 -1.02
CA ASN A 288 -14.13 21.25 -1.66
C ASN A 288 -13.48 20.10 -0.94
N ILE A 289 -13.97 19.76 0.25
CA ILE A 289 -13.61 18.56 0.98
C ILE A 289 -14.92 17.84 1.25
N ALA A 290 -14.97 16.52 1.06
CA ALA A 290 -16.20 15.78 1.34
C ALA A 290 -16.47 15.68 2.83
N GLN A 291 -17.73 15.76 3.21
CA GLN A 291 -18.06 15.66 4.64
C GLN A 291 -17.62 14.33 5.26
N PHE A 292 -17.77 13.24 4.50
CA PHE A 292 -17.42 11.94 5.09
C PHE A 292 -15.91 11.86 5.40
N ARG A 293 -15.10 12.51 4.58
CA ARG A 293 -13.64 12.52 4.76
C ARG A 293 -13.31 13.28 6.04
N TYR A 294 -13.90 14.45 6.17
CA TYR A 294 -13.71 15.21 7.39
C TYR A 294 -14.23 14.43 8.61
N ASP A 295 -15.40 13.80 8.49
CA ASP A 295 -15.97 13.04 9.60
C ASP A 295 -15.05 11.90 10.02
N HIS A 296 -14.49 11.22 9.05
CA HIS A 296 -13.59 10.12 9.34
C HIS A 296 -12.31 10.61 10.01
N TYR A 297 -11.81 11.75 9.59
CA TYR A 297 -10.63 12.34 10.17
C TYR A 297 -10.90 12.61 11.66
N LEU A 298 -12.00 13.26 11.94
CA LEU A 298 -12.40 13.55 13.29
C LEU A 298 -12.49 12.30 14.12
N GLN A 299 -13.18 11.31 13.62
CA GLN A 299 -13.32 10.02 14.33
C GLN A 299 -12.00 9.41 14.65
N LEU A 300 -11.12 9.36 13.66
CA LEU A 300 -9.84 8.74 13.88
C LEU A 300 -8.96 9.52 14.87
N PHE A 301 -8.93 10.83 14.66
CA PHE A 301 -8.24 11.75 15.52
C PHE A 301 -8.65 11.48 16.97
N ASN A 302 -9.93 11.37 17.23
CA ASN A 302 -10.41 11.16 18.59
C ASN A 302 -10.14 9.74 19.03
N GLU A 303 -10.23 8.79 18.12
CA GLU A 303 -10.04 7.40 18.48
C GLU A 303 -8.59 7.08 18.82
N ILE A 304 -7.70 7.51 17.96
CA ILE A 304 -6.30 7.19 18.00
C ILE A 304 -5.56 7.36 19.29
N SER A 305 -5.96 8.38 20.01
CA SER A 305 -5.40 8.75 21.28
C SER A 305 -5.71 7.73 22.35
N ASN A 306 -6.93 7.21 22.33
CA ASN A 306 -7.39 6.28 23.33
C ASN A 306 -6.58 5.03 23.57
N ARG A 307 -6.78 4.45 24.72
CA ARG A 307 -6.02 3.31 25.13
C ARG A 307 -6.68 2.03 24.62
N LYS A 308 -5.88 1.00 24.34
CA LYS A 308 -6.34 -0.17 23.56
C LYS A 308 -7.35 -1.11 24.24
#